data_2DUA
#
_entry.id   2DUA
#
_cell.length_a   74.890
_cell.length_b   79.180
_cell.length_c   93.430
_cell.angle_alpha   90.00
_cell.angle_beta   90.00
_cell.angle_gamma   90.00
#
_symmetry.space_group_name_H-M   'I 2 2 2'
#
loop_
_entity.id
_entity.type
_entity.pdbx_description
1 polymer 'Phosphonopyruvate hydrolase'
2 non-polymer alpha-D-xylopyranose
3 non-polymer 'OXALATE ION'
4 non-polymer 'MAGNESIUM ION'
5 non-polymer 'SODIUM ION'
6 non-polymer 'CHLORIDE ION'
7 water water
#
_entity_poly.entity_id   1
_entity_poly.type   'polypeptide(L)'
_entity_poly.pdbx_seq_one_letter_code
;MTKNQALRAALDSGRLFTAMAAHNPLVAKLAEQAGFGGIWGSGFELSASYAVPDANILSMSTHLEMMRAIASTVSIPLIA
DIDTGFGNAVNVHYVVPQYEAAGASAIVMEDKTFPKDTSLRTDGRQELVRIEEFQGKIAAATAARADRDFVVIARVEALI
AGLGQQEAVRRGQAYEEAGADAILIHSRQKTPDEILAFVKSWPGKVPLVLVPTAYPQLTEADIAALSKVGIVIYGNHAIR
AAVGAVREVFARIRRDGGIREVDAALPSVKEIIELQGDERMRAVEARYLK
;
_entity_poly.pdbx_strand_id   A
#
loop_
_chem_comp.id
_chem_comp.type
_chem_comp.name
_chem_comp.formula
CL non-polymer 'CHLORIDE ION' 'Cl -1'
MG non-polymer 'MAGNESIUM ION' 'Mg 2'
NA non-polymer 'SODIUM ION' 'Na 1'
OXL non-polymer 'OXALATE ION' 'C2 O4 -2'
XYS D-saccharide, alpha linking alpha-D-xylopyranose 'C5 H10 O5'
#
# COMPACT_ATOMS: atom_id res chain seq x y z
N MET A 1 -2.09 22.54 1.05
CA MET A 1 -1.16 21.57 0.44
C MET A 1 -1.92 20.29 0.06
N THR A 2 -1.90 19.93 -1.22
CA THR A 2 -2.60 18.74 -1.68
C THR A 2 -1.95 17.47 -1.10
N LYS A 3 -2.73 16.38 -1.09
CA LYS A 3 -2.18 15.10 -0.62
C LYS A 3 -0.98 14.76 -1.49
N ASN A 4 -1.06 14.99 -2.82
CA ASN A 4 0.11 14.67 -3.67
C ASN A 4 1.30 15.53 -3.29
N GLN A 5 1.09 16.82 -3.02
CA GLN A 5 2.24 17.63 -2.61
C GLN A 5 2.81 17.12 -1.29
N ALA A 6 1.92 16.71 -0.38
CA ALA A 6 2.34 16.19 0.92
C ALA A 6 3.25 14.96 0.76
N LEU A 7 2.90 14.05 -0.14
CA LEU A 7 3.68 12.86 -0.35
C LEU A 7 5.03 13.24 -0.93
N ARG A 8 4.98 14.10 -1.94
CA ARG A 8 6.17 14.54 -2.63
C ARG A 8 7.11 15.23 -1.64
N ALA A 9 6.55 16.12 -0.82
CA ALA A 9 7.30 16.85 0.20
C ALA A 9 8.04 15.86 1.14
N ALA A 10 7.36 14.76 1.51
CA ALA A 10 7.94 13.73 2.37
C ALA A 10 9.12 13.07 1.65
N LEU A 11 8.92 12.66 0.40
CA LEU A 11 10.01 12.04 -0.38
C LEU A 11 11.21 12.96 -0.61
N ASP A 12 10.91 14.22 -0.87
CA ASP A 12 11.97 15.17 -1.19
C ASP A 12 12.72 15.70 0.02
N SER A 13 12.07 15.72 1.16
CA SER A 13 12.65 16.25 2.38
C SER A 13 13.63 15.32 3.06
N GLY A 14 13.52 14.05 2.78
CA GLY A 14 14.41 13.10 3.43
C GLY A 14 13.84 12.46 4.69
N ARG A 15 12.63 12.84 5.12
CA ARG A 15 11.97 12.23 6.27
C ARG A 15 11.59 10.79 5.89
N LEU A 16 11.47 9.93 6.88
CA LEU A 16 11.06 8.57 6.60
C LEU A 16 9.52 8.62 6.71
N PHE A 17 8.83 8.24 5.64
CA PHE A 17 7.36 8.24 5.57
C PHE A 17 6.84 6.84 5.88
N THR A 18 5.83 6.75 6.77
CA THR A 18 5.28 5.47 7.15
C THR A 18 3.88 5.35 6.55
N ALA A 19 3.57 4.15 6.05
CA ALA A 19 2.25 3.89 5.47
C ALA A 19 1.74 2.58 6.07
N MET A 20 0.47 2.57 6.43
CA MET A 20 -0.15 1.36 7.00
C MET A 20 -1.23 0.79 6.06
N ALA A 21 -1.23 -0.53 5.98
CA ALA A 21 -2.22 -1.27 5.19
C ALA A 21 -3.65 -1.00 5.71
N ALA A 22 -4.63 -0.97 4.80
CA ALA A 22 -6.02 -0.76 5.22
C ALA A 22 -6.91 -1.52 4.25
N HIS A 23 -7.84 -2.32 4.75
CA HIS A 23 -8.74 -3.07 3.85
C HIS A 23 -10.14 -2.41 3.74
N ASN A 24 -10.36 -1.35 4.51
CA ASN A 24 -11.60 -0.62 4.36
C ASN A 24 -11.35 0.82 4.88
N PRO A 25 -12.32 1.73 4.64
CA PRO A 25 -12.07 3.10 5.10
C PRO A 25 -11.97 3.28 6.63
N LEU A 26 -12.68 2.45 7.40
CA LEU A 26 -12.65 2.58 8.86
C LEU A 26 -11.22 2.29 9.37
N VAL A 27 -10.65 1.20 8.91
CA VAL A 27 -9.29 0.89 9.26
C VAL A 27 -8.36 2.03 8.80
N ALA A 28 -8.64 2.58 7.62
CA ALA A 28 -7.77 3.68 7.14
C ALA A 28 -7.85 4.89 8.07
N LYS A 29 -9.06 5.19 8.56
CA LYS A 29 -9.27 6.29 9.48
C LYS A 29 -8.53 6.03 10.78
N LEU A 30 -8.61 4.80 11.29
CA LEU A 30 -7.88 4.45 12.51
C LEU A 30 -6.33 4.63 12.29
N ALA A 31 -5.84 4.27 11.10
CA ALA A 31 -4.41 4.46 10.78
C ALA A 31 -4.04 5.94 10.81
N GLU A 32 -4.89 6.80 10.25
CA GLU A 32 -4.64 8.22 10.25
C GLU A 32 -4.60 8.76 11.69
N GLN A 33 -5.61 8.36 12.47
CA GLN A 33 -5.70 8.80 13.85
C GLN A 33 -4.51 8.29 14.67
N ALA A 34 -4.00 7.12 14.33
CA ALA A 34 -2.83 6.58 15.02
C ALA A 34 -1.55 7.36 14.70
N GLY A 35 -1.55 8.11 13.61
CA GLY A 35 -0.37 8.93 13.29
C GLY A 35 0.44 8.48 12.12
N PHE A 36 0.05 7.43 11.38
CA PHE A 36 0.89 7.06 10.23
C PHE A 36 0.92 8.13 9.16
N GLY A 37 1.97 8.13 8.35
CA GLY A 37 2.06 9.14 7.31
C GLY A 37 1.10 8.95 6.16
N GLY A 38 0.87 7.69 5.79
CA GLY A 38 0.00 7.41 4.67
C GLY A 38 -0.72 6.06 4.81
N ILE A 39 -1.64 5.80 3.88
CA ILE A 39 -2.37 4.53 3.86
C ILE A 39 -1.84 3.71 2.70
N TRP A 40 -1.74 2.38 2.88
CA TRP A 40 -1.32 1.47 1.82
C TRP A 40 -2.60 0.68 1.39
N GLY A 41 -3.05 0.91 0.16
CA GLY A 41 -4.25 0.25 -0.34
C GLY A 41 -3.85 -1.10 -0.88
N SER A 42 -3.52 -1.99 0.06
CA SER A 42 -3.02 -3.34 -0.17
C SER A 42 -3.97 -4.31 -0.93
N GLY A 43 -3.48 -4.93 -2.03
CA GLY A 43 -4.32 -5.86 -2.76
C GLY A 43 -4.38 -7.11 -1.89
N PHE A 44 -3.29 -7.41 -1.18
CA PHE A 44 -3.31 -8.61 -0.34
C PHE A 44 -4.37 -8.43 0.77
N GLU A 45 -4.39 -7.27 1.44
CA GLU A 45 -5.42 -7.12 2.47
C GLU A 45 -6.84 -7.12 1.89
N LEU A 46 -7.05 -6.47 0.75
CA LEU A 46 -8.45 -6.47 0.21
C LEU A 46 -8.90 -7.87 -0.21
N SER A 47 -8.05 -8.60 -0.95
CA SER A 47 -8.43 -9.95 -1.33
C SER A 47 -8.61 -10.82 -0.02
N ALA A 48 -7.77 -10.62 1.01
CA ALA A 48 -7.96 -11.42 2.25
C ALA A 48 -9.33 -11.12 2.89
N SER A 49 -9.75 -9.84 2.93
CA SER A 49 -11.05 -9.48 3.53
C SER A 49 -12.22 -10.13 2.74
N TYR A 50 -11.98 -10.46 1.48
CA TYR A 50 -12.97 -11.12 0.64
C TYR A 50 -12.81 -12.65 0.66
N ALA A 51 -11.84 -13.13 1.45
CA ALA A 51 -11.57 -14.56 1.55
C ALA A 51 -11.24 -15.22 0.20
N VAL A 52 -10.48 -14.49 -0.64
CA VAL A 52 -10.04 -15.04 -1.92
C VAL A 52 -8.52 -14.82 -1.99
N PRO A 53 -7.81 -15.70 -2.72
CA PRO A 53 -6.33 -15.55 -2.84
C PRO A 53 -5.92 -14.22 -3.53
N ASP A 54 -4.73 -13.76 -3.17
CA ASP A 54 -4.18 -12.53 -3.71
C ASP A 54 -3.56 -12.94 -5.06
N ALA A 55 -4.39 -13.26 -6.05
CA ALA A 55 -3.86 -13.69 -7.36
C ALA A 55 -4.69 -13.16 -8.53
N ASN A 56 -4.99 -11.86 -8.45
CA ASN A 56 -5.77 -11.18 -9.45
C ASN A 56 -7.12 -11.82 -9.68
N ILE A 57 -7.73 -12.23 -8.58
CA ILE A 57 -9.08 -12.80 -8.64
C ILE A 57 -10.07 -11.66 -8.46
N LEU A 58 -9.79 -10.74 -7.54
CA LEU A 58 -10.71 -9.62 -7.40
C LEU A 58 -10.66 -8.75 -8.65
N SER A 59 -11.79 -8.18 -8.99
CA SER A 59 -11.93 -7.28 -10.13
C SER A 59 -11.09 -6.04 -9.84
N MET A 60 -10.59 -5.41 -10.89
CA MET A 60 -9.87 -4.15 -10.75
C MET A 60 -10.86 -3.10 -10.14
N SER A 61 -12.11 -3.13 -10.58
CA SER A 61 -13.00 -2.10 -10.05
C SER A 61 -13.26 -2.29 -8.55
N THR A 62 -13.22 -3.51 -8.04
CA THR A 62 -13.45 -3.68 -6.62
C THR A 62 -12.32 -2.97 -5.82
N HIS A 63 -11.08 -3.10 -6.30
CA HIS A 63 -9.99 -2.41 -5.64
C HIS A 63 -10.06 -0.89 -5.87
N LEU A 64 -10.33 -0.47 -7.11
CA LEU A 64 -10.36 0.96 -7.43
C LEU A 64 -11.46 1.68 -6.60
N GLU A 65 -12.64 1.06 -6.47
CA GLU A 65 -13.69 1.70 -5.70
C GLU A 65 -13.37 1.78 -4.20
N MET A 66 -12.64 0.77 -3.70
CA MET A 66 -12.22 0.77 -2.34
C MET A 66 -11.20 1.92 -2.17
N MET A 67 -10.34 2.16 -3.17
CA MET A 67 -9.35 3.26 -3.06
C MET A 67 -10.10 4.59 -2.97
N ARG A 68 -11.12 4.72 -3.81
CA ARG A 68 -11.93 5.93 -3.81
C ARG A 68 -12.60 6.16 -2.44
N ALA A 69 -13.18 5.12 -1.87
CA ALA A 69 -13.85 5.25 -0.58
C ALA A 69 -12.82 5.59 0.55
N ILE A 70 -11.64 4.97 0.52
CA ILE A 70 -10.59 5.30 1.50
C ILE A 70 -10.10 6.77 1.35
N ALA A 71 -9.83 7.21 0.12
CA ALA A 71 -9.35 8.58 -0.08
C ALA A 71 -10.39 9.63 0.29
N SER A 72 -11.67 9.29 0.20
CA SER A 72 -12.67 10.29 0.55
C SER A 72 -12.90 10.31 2.08
N THR A 73 -12.24 9.41 2.79
CA THR A 73 -12.37 9.34 4.25
C THR A 73 -11.18 9.95 5.03
N VAL A 74 -9.97 9.74 4.52
CA VAL A 74 -8.75 10.22 5.25
C VAL A 74 -8.15 11.48 4.62
N SER A 75 -7.33 12.20 5.38
CA SER A 75 -6.74 13.42 4.82
C SER A 75 -5.27 13.20 4.49
N ILE A 76 -4.77 11.99 4.73
CA ILE A 76 -3.36 11.70 4.46
C ILE A 76 -3.23 10.99 3.11
N PRO A 77 -2.04 10.98 2.50
CA PRO A 77 -1.90 10.32 1.19
C PRO A 77 -2.17 8.81 1.14
N LEU A 78 -2.74 8.39 0.03
CA LEU A 78 -3.04 6.98 -0.17
C LEU A 78 -2.12 6.43 -1.25
N ILE A 79 -1.47 5.31 -0.97
CA ILE A 79 -0.59 4.64 -1.93
C ILE A 79 -1.36 3.39 -2.40
N ALA A 80 -1.71 3.32 -3.69
CA ALA A 80 -2.49 2.20 -4.24
C ALA A 80 -1.68 1.09 -4.84
N ASP A 81 -1.99 -0.13 -4.44
CA ASP A 81 -1.30 -1.31 -4.99
C ASP A 81 -2.03 -1.68 -6.28
N ILE A 82 -1.40 -1.54 -7.44
CA ILE A 82 -2.09 -1.95 -8.66
C ILE A 82 -1.48 -3.21 -9.29
N ASP A 83 -0.80 -3.99 -8.47
CA ASP A 83 -0.21 -5.27 -8.94
C ASP A 83 0.65 -5.08 -10.19
N THR A 84 0.37 -5.81 -11.28
CA THR A 84 1.16 -5.62 -12.50
C THR A 84 0.58 -4.61 -13.50
N GLY A 85 -0.43 -3.82 -13.09
CA GLY A 85 -1.00 -2.79 -13.97
C GLY A 85 -2.22 -3.27 -14.73
N PHE A 86 -2.70 -4.44 -14.34
CA PHE A 86 -3.89 -5.08 -14.95
C PHE A 86 -3.75 -5.31 -16.47
N GLY A 87 -2.53 -5.55 -16.94
CA GLY A 87 -2.36 -5.82 -18.34
C GLY A 87 -1.01 -5.33 -18.77
N ASN A 88 -0.91 -4.87 -20.00
CA ASN A 88 0.37 -4.35 -20.52
C ASN A 88 0.36 -2.80 -20.44
N ALA A 89 1.30 -2.14 -21.13
CA ALA A 89 1.38 -0.69 -21.07
C ALA A 89 0.09 0.04 -21.48
N VAL A 90 -0.66 -0.49 -22.44
CA VAL A 90 -1.93 0.10 -22.83
C VAL A 90 -2.89 0.05 -21.62
N ASN A 91 -3.03 -1.09 -20.94
CA ASN A 91 -3.89 -1.16 -19.77
C ASN A 91 -3.43 -0.19 -18.70
N VAL A 92 -2.11 -0.11 -18.48
CA VAL A 92 -1.57 0.83 -17.50
C VAL A 92 -1.99 2.27 -17.79
N HIS A 93 -1.92 2.62 -19.08
CA HIS A 93 -2.29 3.95 -19.53
C HIS A 93 -3.74 4.36 -19.23
N TYR A 94 -4.64 3.41 -19.36
CA TYR A 94 -6.06 3.63 -19.08
C TYR A 94 -6.43 3.51 -17.61
N VAL A 95 -5.62 2.78 -16.85
CA VAL A 95 -5.90 2.54 -15.44
C VAL A 95 -5.32 3.63 -14.49
N VAL A 96 -4.14 4.13 -14.78
CA VAL A 96 -3.52 5.09 -13.89
C VAL A 96 -4.39 6.34 -13.67
N PRO A 97 -4.96 6.91 -14.73
CA PRO A 97 -5.80 8.10 -14.60
C PRO A 97 -7.03 7.83 -13.69
N GLN A 98 -7.51 6.59 -13.67
CA GLN A 98 -8.68 6.27 -12.82
C GLN A 98 -8.25 6.22 -11.36
N TYR A 99 -7.03 5.72 -11.09
CA TYR A 99 -6.55 5.72 -9.69
C TYR A 99 -6.25 7.12 -9.21
N GLU A 100 -5.69 7.93 -10.10
CA GLU A 100 -5.42 9.30 -9.73
C GLU A 100 -6.73 10.01 -9.51
N ALA A 101 -7.72 9.79 -10.39
CA ALA A 101 -8.99 10.48 -10.21
C ALA A 101 -9.73 9.98 -8.93
N ALA A 102 -9.47 8.75 -8.52
CA ALA A 102 -10.10 8.20 -7.28
C ALA A 102 -9.46 8.83 -6.04
N GLY A 103 -8.38 9.59 -6.19
CA GLY A 103 -7.80 10.23 -4.99
C GLY A 103 -6.49 9.64 -4.46
N ALA A 104 -5.99 8.57 -5.07
CA ALA A 104 -4.71 8.01 -4.65
C ALA A 104 -3.59 8.99 -5.01
N SER A 105 -2.59 9.07 -4.14
CA SER A 105 -1.45 9.94 -4.38
C SER A 105 -0.28 9.18 -5.04
N ALA A 106 -0.37 7.86 -5.06
CA ALA A 106 0.68 7.06 -5.68
C ALA A 106 0.16 5.69 -6.04
N ILE A 107 0.86 5.05 -6.98
CA ILE A 107 0.54 3.68 -7.31
C ILE A 107 1.84 2.90 -7.19
N VAL A 108 1.71 1.62 -6.89
CA VAL A 108 2.83 0.67 -6.84
C VAL A 108 2.52 -0.41 -7.88
N MET A 109 3.43 -0.62 -8.82
CA MET A 109 3.27 -1.57 -9.91
C MET A 109 4.52 -2.45 -9.92
N GLU A 110 4.34 -3.75 -10.02
CA GLU A 110 5.46 -4.66 -9.97
C GLU A 110 5.79 -5.30 -11.32
N ASP A 111 7.02 -5.79 -11.47
CA ASP A 111 7.47 -6.35 -12.76
C ASP A 111 7.27 -7.85 -12.98
N LYS A 112 6.34 -8.43 -12.24
CA LYS A 112 6.05 -9.83 -12.43
C LYS A 112 5.20 -10.01 -13.70
N THR A 113 5.31 -11.17 -14.33
CA THR A 113 4.48 -11.41 -15.49
C THR A 113 3.08 -11.69 -14.99
N PHE A 114 2.08 -11.43 -15.82
CA PHE A 114 0.72 -11.77 -15.44
C PHE A 114 0.13 -12.32 -16.69
N PRO A 115 -0.55 -13.48 -16.60
CA PRO A 115 -0.74 -14.21 -15.34
C PRO A 115 0.39 -15.22 -15.17
N LYS A 116 0.46 -15.82 -14.00
CA LYS A 116 1.47 -16.83 -13.71
C LYS A 116 1.36 -18.01 -14.70
N ASP A 117 2.50 -18.57 -15.07
CA ASP A 117 2.52 -19.71 -16.00
C ASP A 117 2.80 -20.93 -15.16
N THR A 118 3.02 -22.09 -15.78
CA THR A 118 3.34 -23.27 -15.00
C THR A 118 4.85 -23.17 -14.80
N GLN A 126 8.36 -15.96 -18.45
CA GLN A 126 9.41 -15.91 -17.41
C GLN A 126 8.75 -15.41 -16.11
N GLU A 127 9.45 -15.52 -14.98
CA GLU A 127 8.86 -15.05 -13.72
C GLU A 127 8.60 -13.53 -13.83
N LEU A 128 9.55 -12.79 -14.39
CA LEU A 128 9.41 -11.32 -14.55
C LEU A 128 9.24 -10.96 -16.03
N VAL A 129 8.70 -9.78 -16.30
CA VAL A 129 8.57 -9.35 -17.68
C VAL A 129 9.97 -8.80 -18.05
N ARG A 130 10.28 -8.71 -19.35
CA ARG A 130 11.54 -8.14 -19.85
C ARG A 130 11.70 -6.71 -19.28
N ILE A 131 12.96 -6.34 -19.05
CA ILE A 131 13.29 -5.04 -18.52
C ILE A 131 12.71 -3.92 -19.35
N GLU A 132 12.86 -4.01 -20.68
CA GLU A 132 12.32 -2.99 -21.58
C GLU A 132 10.79 -2.95 -21.54
N GLU A 133 10.13 -4.11 -21.43
CA GLU A 133 8.67 -4.09 -21.39
C GLU A 133 8.24 -3.27 -20.16
N PHE A 134 8.85 -3.54 -19.01
CA PHE A 134 8.46 -2.81 -17.81
C PHE A 134 8.80 -1.34 -17.83
N GLN A 135 9.97 -1.00 -18.37
CA GLN A 135 10.27 0.40 -18.58
C GLN A 135 9.15 1.04 -19.33
N GLY A 136 8.62 0.38 -20.38
CA GLY A 136 7.51 0.95 -21.16
C GLY A 136 6.23 1.13 -20.29
N LYS A 137 5.99 0.19 -19.40
CA LYS A 137 4.83 0.32 -18.50
C LYS A 137 5.01 1.52 -17.54
N ILE A 138 6.21 1.69 -17.01
CA ILE A 138 6.46 2.83 -16.10
C ILE A 138 6.29 4.16 -16.85
N ALA A 139 6.87 4.21 -18.06
CA ALA A 139 6.76 5.39 -18.91
C ALA A 139 5.29 5.68 -19.23
N ALA A 140 4.50 4.63 -19.51
CA ALA A 140 3.06 4.84 -19.79
C ALA A 140 2.38 5.40 -18.52
N ALA A 141 2.78 4.91 -17.34
CA ALA A 141 2.18 5.39 -16.10
C ALA A 141 2.49 6.89 -15.88
N THR A 142 3.77 7.27 -15.98
CA THR A 142 4.12 8.67 -15.79
C THR A 142 3.58 9.54 -16.92
N ALA A 143 3.38 8.99 -18.11
CA ALA A 143 2.78 9.81 -19.20
C ALA A 143 1.28 10.07 -18.93
N ALA A 144 0.59 9.06 -18.41
CA ALA A 144 -0.86 9.17 -18.15
C ALA A 144 -1.24 10.03 -16.94
N ARG A 145 -0.34 10.21 -15.99
CA ARG A 145 -0.73 11.00 -14.82
C ARG A 145 -0.94 12.47 -15.23
N ALA A 146 -1.90 13.08 -14.57
CA ALA A 146 -2.24 14.45 -14.85
C ALA A 146 -1.43 15.34 -13.95
N ASP A 147 -1.40 15.06 -12.63
CA ASP A 147 -0.65 15.89 -11.71
C ASP A 147 0.77 15.35 -11.59
N ARG A 148 1.78 16.12 -11.99
CA ARG A 148 3.15 15.61 -11.91
C ARG A 148 3.54 15.26 -10.47
N ASP A 149 2.79 15.76 -9.47
CA ASP A 149 3.11 15.39 -8.10
C ASP A 149 2.71 13.93 -7.76
N PHE A 150 1.79 13.36 -8.54
CA PHE A 150 1.31 11.98 -8.37
C PHE A 150 2.57 11.11 -8.45
N VAL A 151 2.71 10.12 -7.56
CA VAL A 151 3.92 9.31 -7.52
C VAL A 151 3.83 7.90 -8.12
N VAL A 152 4.79 7.56 -8.98
CA VAL A 152 4.79 6.22 -9.59
C VAL A 152 5.91 5.41 -8.93
N ILE A 153 5.56 4.32 -8.22
CA ILE A 153 6.54 3.51 -7.55
C ILE A 153 6.65 2.17 -8.29
N ALA A 154 7.85 1.81 -8.69
CA ALA A 154 8.12 0.55 -9.39
C ALA A 154 8.65 -0.46 -8.38
N ARG A 155 7.97 -1.58 -8.33
CA ARG A 155 8.32 -2.66 -7.41
C ARG A 155 9.13 -3.72 -8.14
N VAL A 156 10.35 -3.93 -7.67
CA VAL A 156 11.30 -4.89 -8.29
C VAL A 156 11.19 -6.26 -7.56
N GLU A 157 10.78 -7.30 -8.29
CA GLU A 157 10.61 -8.59 -7.67
C GLU A 157 11.76 -9.54 -8.02
N ALA A 158 12.87 -8.99 -8.51
CA ALA A 158 14.02 -9.82 -8.92
C ALA A 158 14.65 -10.69 -7.80
N LEU A 159 14.68 -10.19 -6.57
CA LEU A 159 15.21 -10.97 -5.46
C LEU A 159 14.28 -12.17 -5.15
N ILE A 160 12.97 -11.92 -5.12
CA ILE A 160 11.95 -12.93 -4.87
C ILE A 160 12.04 -13.99 -6.00
N ALA A 161 12.29 -13.53 -7.22
CA ALA A 161 12.36 -14.42 -8.36
C ALA A 161 13.64 -15.22 -8.32
N GLY A 162 14.51 -14.93 -7.36
CA GLY A 162 15.77 -15.63 -7.27
C GLY A 162 16.76 -15.29 -8.36
N LEU A 163 16.69 -14.06 -8.90
CA LEU A 163 17.57 -13.61 -9.99
C LEU A 163 18.86 -12.95 -9.53
N GLY A 164 18.94 -12.65 -8.25
CA GLY A 164 20.19 -12.09 -7.73
C GLY A 164 20.19 -10.60 -7.55
N GLN A 165 21.19 -10.12 -6.81
CA GLN A 165 21.32 -8.70 -6.54
C GLN A 165 21.68 -7.82 -7.78
N GLN A 166 22.58 -8.31 -8.62
CA GLN A 166 23.01 -7.54 -9.77
C GLN A 166 21.84 -7.23 -10.71
N GLU A 167 20.99 -8.22 -10.97
CA GLU A 167 19.81 -8.05 -11.85
C GLU A 167 18.76 -7.14 -11.14
N ALA A 168 18.61 -7.28 -9.82
CA ALA A 168 17.66 -6.46 -9.07
C ALA A 168 18.06 -4.97 -9.18
N VAL A 169 19.34 -4.66 -9.02
CA VAL A 169 19.79 -3.25 -9.12
C VAL A 169 19.64 -2.75 -10.56
N ARG A 170 19.97 -3.61 -11.52
CA ARG A 170 19.86 -3.23 -12.94
C ARG A 170 18.40 -2.86 -13.25
N ARG A 171 17.45 -3.65 -12.78
CA ARG A 171 16.03 -3.34 -13.06
C ARG A 171 15.68 -2.05 -12.35
N GLY A 172 16.07 -1.94 -11.09
CA GLY A 172 15.76 -0.71 -10.37
C GLY A 172 16.25 0.51 -11.14
N GLN A 173 17.52 0.48 -11.58
CA GLN A 173 18.03 1.61 -12.33
C GLN A 173 17.28 1.85 -13.64
N ALA A 174 16.89 0.78 -14.31
CA ALA A 174 16.18 0.91 -15.60
C ALA A 174 14.78 1.51 -15.39
N TYR A 175 14.17 1.16 -14.26
CA TYR A 175 12.82 1.70 -14.01
C TYR A 175 12.91 3.16 -13.63
N GLU A 176 13.96 3.51 -12.87
CA GLU A 176 14.15 4.92 -12.48
C GLU A 176 14.41 5.74 -13.80
N GLU A 177 15.17 5.14 -14.71
CA GLU A 177 15.48 5.82 -15.99
C GLU A 177 14.16 6.01 -16.74
N ALA A 178 13.24 5.07 -16.62
CA ALA A 178 11.97 5.20 -17.31
C ALA A 178 11.01 6.19 -16.61
N GLY A 179 11.40 6.76 -15.47
CA GLY A 179 10.49 7.67 -14.82
C GLY A 179 9.92 7.32 -13.43
N ALA A 180 10.33 6.17 -12.89
CA ALA A 180 9.88 5.78 -11.57
C ALA A 180 10.39 6.79 -10.54
N ASP A 181 9.49 7.19 -9.64
CA ASP A 181 9.78 8.16 -8.58
C ASP A 181 10.40 7.47 -7.34
N ALA A 182 10.20 6.14 -7.23
CA ALA A 182 10.77 5.42 -6.09
C ALA A 182 10.80 3.95 -6.49
N ILE A 183 11.66 3.19 -5.81
CA ILE A 183 11.79 1.79 -6.14
C ILE A 183 11.47 1.00 -4.89
N LEU A 184 10.55 0.07 -5.00
CA LEU A 184 10.19 -0.75 -3.85
C LEU A 184 10.91 -2.07 -4.09
N ILE A 185 11.77 -2.47 -3.16
CA ILE A 185 12.51 -3.71 -3.30
C ILE A 185 12.06 -4.68 -2.22
N HIS A 186 11.82 -5.92 -2.61
CA HIS A 186 11.28 -6.90 -1.69
C HIS A 186 12.11 -8.18 -1.59
N SER A 187 12.12 -8.79 -0.41
CA SER A 187 12.85 -10.03 -0.14
C SER A 187 11.97 -11.04 0.60
N ARG A 188 12.20 -12.33 0.38
CA ARG A 188 11.45 -13.38 1.08
C ARG A 188 12.47 -14.21 1.92
N GLN A 189 13.75 -13.86 1.84
CA GLN A 189 14.81 -14.52 2.61
C GLN A 189 14.34 -14.48 4.09
N LYS A 190 14.80 -15.42 4.92
CA LYS A 190 14.39 -15.42 6.34
C LYS A 190 14.94 -14.21 7.09
N THR A 191 16.23 -13.93 6.85
CA THR A 191 16.93 -12.80 7.48
C THR A 191 16.95 -11.57 6.55
N PRO A 192 17.02 -10.35 7.10
CA PRO A 192 17.06 -9.13 6.30
C PRO A 192 18.43 -8.86 5.64
N ASP A 193 19.29 -9.88 5.62
CA ASP A 193 20.63 -9.72 5.02
C ASP A 193 20.55 -9.30 3.57
N GLU A 194 19.75 -10.03 2.81
CA GLU A 194 19.59 -9.77 1.39
C GLU A 194 19.11 -8.35 1.10
N ILE A 195 18.06 -7.93 1.80
CA ILE A 195 17.49 -6.59 1.66
C ILE A 195 18.51 -5.47 1.99
N LEU A 196 19.16 -5.60 3.14
CA LEU A 196 20.16 -4.64 3.56
C LEU A 196 21.34 -4.56 2.54
N ALA A 197 21.76 -5.69 2.00
CA ALA A 197 22.84 -5.69 1.00
C ALA A 197 22.34 -4.93 -0.23
N PHE A 198 21.08 -5.13 -0.63
CA PHE A 198 20.59 -4.37 -1.79
C PHE A 198 20.62 -2.87 -1.52
N VAL A 199 20.16 -2.46 -0.34
CA VAL A 199 20.12 -1.05 0.01
C VAL A 199 21.51 -0.42 -0.02
N LYS A 200 22.51 -1.14 0.53
CA LYS A 200 23.88 -0.66 0.52
C LYS A 200 24.39 -0.42 -0.94
N SER A 201 24.14 -1.38 -1.80
CA SER A 201 24.54 -1.30 -3.18
C SER A 201 23.73 -0.36 -4.04
N TRP A 202 22.50 0.01 -3.64
CA TRP A 202 21.67 0.86 -4.51
C TRP A 202 22.37 2.19 -4.97
N PRO A 203 22.66 2.34 -6.28
CA PRO A 203 23.32 3.52 -6.85
C PRO A 203 22.42 4.64 -7.40
N GLY A 204 21.10 4.39 -7.46
CA GLY A 204 20.19 5.38 -7.99
C GLY A 204 19.92 6.61 -7.15
N LYS A 205 19.27 7.58 -7.78
CA LYS A 205 18.94 8.82 -7.08
C LYS A 205 17.59 8.79 -6.38
N VAL A 206 16.62 8.03 -6.86
CA VAL A 206 15.33 8.02 -6.18
C VAL A 206 15.33 7.17 -4.89
N PRO A 207 14.41 7.48 -3.98
CA PRO A 207 14.31 6.74 -2.71
C PRO A 207 13.86 5.30 -2.88
N LEU A 208 14.16 4.51 -1.88
CA LEU A 208 13.75 3.13 -1.85
C LEU A 208 12.50 2.99 -0.96
N VAL A 209 11.73 1.94 -1.20
CA VAL A 209 10.52 1.64 -0.41
C VAL A 209 10.68 0.23 0.10
N LEU A 210 10.55 0.08 1.42
CA LEU A 210 10.60 -1.27 2.01
C LEU A 210 9.24 -1.72 2.61
N VAL A 211 8.94 -3.02 2.53
CA VAL A 211 7.75 -3.65 3.09
C VAL A 211 8.36 -4.78 3.91
N PRO A 212 8.91 -4.48 5.08
CA PRO A 212 9.58 -5.53 5.86
C PRO A 212 8.72 -6.44 6.71
N THR A 213 7.65 -6.98 6.10
CA THR A 213 6.72 -7.83 6.86
C THR A 213 7.40 -9.09 7.38
N ALA A 214 8.34 -9.60 6.59
CA ALA A 214 9.12 -10.83 6.91
C ALA A 214 10.23 -10.62 7.97
N TYR A 215 10.54 -9.36 8.29
CA TYR A 215 11.56 -8.98 9.27
C TYR A 215 11.09 -8.05 10.33
N PRO A 216 10.31 -8.55 11.27
CA PRO A 216 9.85 -7.62 12.29
C PRO A 216 10.98 -7.00 13.11
N GLN A 217 12.19 -7.58 13.05
CA GLN A 217 13.30 -7.06 13.84
C GLN A 217 13.86 -5.71 13.35
N LEU A 218 13.55 -5.39 12.10
CA LEU A 218 13.98 -4.14 11.47
C LEU A 218 12.99 -3.01 11.88
N THR A 219 13.36 -2.25 12.90
CA THR A 219 12.49 -1.17 13.40
C THR A 219 12.59 0.08 12.54
N GLU A 220 11.71 1.04 12.80
CA GLU A 220 11.78 2.29 12.06
C GLU A 220 13.11 2.99 12.31
N ALA A 221 13.64 2.88 13.52
CA ALA A 221 14.96 3.46 13.80
C ALA A 221 16.00 2.80 12.92
N ASP A 222 15.92 1.48 12.76
CA ASP A 222 16.89 0.80 11.90
C ASP A 222 16.73 1.27 10.46
N ILE A 223 15.49 1.45 10.05
CA ILE A 223 15.26 1.91 8.68
C ILE A 223 15.63 3.38 8.47
N ALA A 224 15.35 4.26 9.45
CA ALA A 224 15.73 5.67 9.33
C ALA A 224 17.25 5.71 9.10
N ALA A 225 18.00 4.81 9.72
CA ALA A 225 19.47 4.74 9.59
C ALA A 225 19.86 4.46 8.14
N LEU A 226 18.89 4.07 7.33
CA LEU A 226 19.14 3.79 5.90
C LEU A 226 18.62 5.03 5.14
N SER A 227 19.55 5.95 4.89
CA SER A 227 19.24 7.20 4.25
C SER A 227 18.56 7.03 2.89
N LYS A 228 18.88 5.95 2.19
CA LYS A 228 18.31 5.70 0.87
C LYS A 228 16.82 5.29 0.85
N VAL A 229 16.29 4.86 2.01
CA VAL A 229 14.88 4.41 2.09
C VAL A 229 14.03 5.60 2.42
N GLY A 230 13.04 5.90 1.59
CA GLY A 230 12.19 7.01 1.90
C GLY A 230 10.80 6.61 2.45
N ILE A 231 10.42 5.34 2.26
CA ILE A 231 9.10 4.92 2.74
C ILE A 231 9.15 3.54 3.31
N VAL A 232 8.46 3.35 4.45
CA VAL A 232 8.35 2.02 5.03
C VAL A 232 6.85 1.73 5.06
N ILE A 233 6.49 0.57 4.54
CA ILE A 233 5.07 0.16 4.50
C ILE A 233 4.83 -1.04 5.42
N TYR A 234 3.79 -0.97 6.23
CA TYR A 234 3.38 -2.10 7.09
C TYR A 234 2.34 -2.81 6.19
N GLY A 235 2.75 -3.90 5.59
CA GLY A 235 1.96 -4.52 4.53
C GLY A 235 0.63 -5.28 4.85
N ASN A 236 0.47 -5.89 6.01
CA ASN A 236 -0.73 -6.69 6.24
C ASN A 236 -1.13 -6.79 7.70
N HIS A 237 -0.66 -5.86 8.52
CA HIS A 237 -0.94 -5.94 9.93
C HIS A 237 -2.36 -5.63 10.33
N ALA A 238 -3.09 -4.89 9.50
CA ALA A 238 -4.46 -4.52 9.88
C ALA A 238 -5.36 -5.74 9.75
N ILE A 239 -5.21 -6.46 8.64
CA ILE A 239 -6.07 -7.63 8.45
C ILE A 239 -5.66 -8.68 9.51
N ARG A 240 -4.37 -8.77 9.85
CA ARG A 240 -3.97 -9.78 10.83
C ARG A 240 -4.52 -9.44 12.22
N ALA A 241 -4.44 -8.18 12.61
CA ALA A 241 -4.95 -7.75 13.90
C ALA A 241 -6.47 -8.03 13.96
N ALA A 242 -7.18 -7.68 12.89
CA ALA A 242 -8.64 -7.86 12.85
C ALA A 242 -9.00 -9.33 12.94
N VAL A 243 -8.30 -10.16 12.15
CA VAL A 243 -8.60 -11.61 12.20
C VAL A 243 -8.40 -12.19 13.62
N GLY A 244 -7.30 -11.81 14.26
CA GLY A 244 -7.03 -12.32 15.60
C GLY A 244 -8.10 -11.97 16.61
N ALA A 245 -8.53 -10.73 16.62
CA ALA A 245 -9.55 -10.32 17.61
C ALA A 245 -10.92 -10.85 17.30
N VAL A 246 -11.27 -10.89 16.02
CA VAL A 246 -12.60 -11.38 15.64
C VAL A 246 -12.72 -12.84 15.96
N ARG A 247 -11.69 -13.59 15.56
CA ARG A 247 -11.69 -15.04 15.82
C ARG A 247 -11.76 -15.30 17.33
N GLU A 248 -11.05 -14.49 18.11
CA GLU A 248 -11.08 -14.71 19.55
C GLU A 248 -12.42 -14.35 20.20
N VAL A 249 -13.03 -13.24 19.80
CA VAL A 249 -14.31 -12.84 20.35
C VAL A 249 -15.41 -13.81 19.92
N PHE A 250 -15.34 -14.32 18.69
CA PHE A 250 -16.35 -15.29 18.23
C PHE A 250 -16.25 -16.60 19.05
N ALA A 251 -15.03 -17.02 19.33
CA ALA A 251 -14.83 -18.26 20.10
C ALA A 251 -15.32 -18.09 21.55
N ARG A 252 -15.09 -16.92 22.13
CA ARG A 252 -15.52 -16.62 23.48
C ARG A 252 -17.04 -16.59 23.52
N ILE A 253 -17.69 -15.95 22.57
CA ILE A 253 -19.17 -15.92 22.58
C ILE A 253 -19.76 -17.35 22.49
N ARG A 254 -19.19 -18.18 21.62
CA ARG A 254 -19.70 -19.53 21.48
C ARG A 254 -19.38 -20.43 22.67
N ARG A 255 -18.29 -20.15 23.37
CA ARG A 255 -17.90 -20.93 24.55
C ARG A 255 -18.79 -20.51 25.72
N ASP A 256 -18.99 -19.19 25.89
CA ASP A 256 -19.80 -18.67 26.97
C ASP A 256 -21.32 -18.71 26.67
N GLY A 257 -21.72 -19.02 25.44
CA GLY A 257 -23.13 -18.98 25.12
C GLY A 257 -23.68 -17.57 25.31
N GLY A 258 -22.98 -16.59 24.77
CA GLY A 258 -23.41 -15.23 24.88
C GLY A 258 -22.27 -14.21 24.98
N ILE A 259 -22.66 -12.93 25.06
CA ILE A 259 -21.75 -11.78 25.13
C ILE A 259 -21.61 -11.20 26.55
N ARG A 260 -22.07 -11.93 27.56
CA ARG A 260 -22.01 -11.42 28.93
C ARG A 260 -20.61 -11.07 29.43
N GLU A 261 -19.62 -11.91 29.15
CA GLU A 261 -18.25 -11.70 29.59
C GLU A 261 -17.48 -10.83 28.60
N VAL A 262 -17.82 -10.91 27.32
CA VAL A 262 -17.06 -10.17 26.33
C VAL A 262 -17.42 -8.71 26.05
N ASP A 263 -18.66 -8.31 26.34
CA ASP A 263 -19.10 -6.96 26.03
C ASP A 263 -18.31 -5.80 26.65
N ALA A 264 -17.93 -5.95 27.91
CA ALA A 264 -17.19 -4.93 28.66
C ALA A 264 -15.88 -4.51 28.02
N ALA A 265 -15.14 -5.50 27.50
CA ALA A 265 -13.84 -5.31 26.86
C ALA A 265 -13.92 -4.64 25.46
N LEU A 266 -15.00 -4.89 24.74
CA LEU A 266 -15.14 -4.25 23.41
C LEU A 266 -15.34 -2.74 23.36
N PRO A 267 -14.96 -2.08 22.24
CA PRO A 267 -15.19 -0.63 22.13
C PRO A 267 -16.73 -0.54 22.17
N SER A 268 -17.30 0.54 22.67
CA SER A 268 -18.77 0.61 22.75
C SER A 268 -19.39 0.95 21.39
N VAL A 269 -20.72 0.78 21.28
CA VAL A 269 -21.43 1.13 20.05
C VAL A 269 -21.28 2.63 19.83
N LYS A 270 -21.30 3.39 20.92
CA LYS A 270 -21.13 4.81 20.79
C LYS A 270 -19.77 5.20 20.12
N GLU A 271 -18.71 4.45 20.40
CA GLU A 271 -17.41 4.72 19.79
C GLU A 271 -17.42 4.46 18.28
N ILE A 272 -18.16 3.45 17.84
CA ILE A 272 -18.25 3.15 16.39
C ILE A 272 -19.05 4.27 15.74
N ILE A 273 -20.17 4.69 16.37
CA ILE A 273 -20.97 5.75 15.82
C ILE A 273 -20.14 7.05 15.67
N GLU A 274 -19.25 7.35 16.61
CA GLU A 274 -18.41 8.54 16.47
C GLU A 274 -17.44 8.37 15.29
N LEU A 275 -16.89 7.16 15.13
CA LEU A 275 -15.96 6.87 14.03
C LEU A 275 -16.64 6.97 12.65
N GLN A 276 -17.97 6.82 12.62
CA GLN A 276 -18.77 6.93 11.39
C GLN A 276 -19.01 8.39 11.04
N GLY A 277 -18.56 9.26 11.95
CA GLY A 277 -18.67 10.69 11.70
C GLY A 277 -20.05 11.23 12.05
N ASP A 278 -20.58 10.76 13.16
CA ASP A 278 -21.91 11.17 13.61
C ASP A 278 -21.99 12.67 13.94
N GLU A 279 -20.90 13.21 14.50
CA GLU A 279 -20.90 14.61 14.83
C GLU A 279 -21.20 15.46 13.59
N ARG A 280 -20.52 15.17 12.49
CA ARG A 280 -20.74 15.90 11.26
C ARG A 280 -22.20 15.68 10.83
N MET A 281 -22.65 14.42 10.87
CA MET A 281 -24.02 14.17 10.49
C MET A 281 -25.01 14.98 11.35
N ARG A 282 -24.68 15.14 12.64
CA ARG A 282 -25.53 15.93 13.58
C ARG A 282 -25.59 17.39 13.19
N ALA A 283 -24.47 17.94 12.73
CA ALA A 283 -24.47 19.34 12.28
C ALA A 283 -25.33 19.50 11.02
N VAL A 284 -25.22 18.54 10.08
CA VAL A 284 -25.98 18.59 8.83
C VAL A 284 -27.47 18.50 9.16
N GLU A 285 -27.83 17.57 10.04
CA GLU A 285 -29.22 17.44 10.40
C GLU A 285 -29.76 18.73 11.05
N ALA A 286 -29.00 19.26 12.00
CA ALA A 286 -29.38 20.48 12.69
C ALA A 286 -29.53 21.64 11.72
N ARG A 287 -28.63 21.78 10.74
CA ARG A 287 -28.71 22.95 9.85
C ARG A 287 -29.51 22.81 8.58
N TYR A 288 -29.75 21.58 8.12
CA TYR A 288 -30.50 21.41 6.86
C TYR A 288 -31.79 20.56 6.88
N LEU A 289 -32.08 19.82 7.94
CA LEU A 289 -33.28 18.98 7.96
C LEU A 289 -34.35 19.94 8.46
N LYS A 290 -35.25 20.35 7.59
CA LYS A 290 -36.25 21.32 7.96
C LYS A 290 -37.65 20.94 7.51
C1 XYS B . -9.30 14.65 9.64
C2 XYS B . -10.53 15.40 9.27
C3 XYS B . -10.35 16.10 7.91
C4 XYS B . -9.06 16.97 7.87
C5 XYS B . -7.82 16.40 8.59
O1 XYS B . -8.98 13.53 8.83
O2 XYS B . -11.65 14.52 9.20
O3 XYS B . -11.52 16.89 7.60
O4 XYS B . -8.74 17.60 6.61
O5 XYS B . -8.15 15.51 9.72
C1 OXL C . 0.31 -6.03 -0.66
C2 OXL C . 1.65 -6.05 -1.26
O1 OXL C . 0.18 -5.65 0.58
O2 OXL C . 1.74 -6.13 -2.53
O3 OXL C . -0.64 -6.38 -1.39
O4 OXL C . 2.66 -5.96 -0.53
MG MG D . -0.23 -6.62 -3.40
NA NA E . -12.77 -4.99 2.73
CL CL F . -15.38 -4.11 2.05
CL CL G . -14.04 -4.79 5.17
#